data_3ZEV
#
_entry.id   3ZEV
#
_cell.length_a   58.550
_cell.length_b   90.180
_cell.length_c   209.360
_cell.angle_alpha   90.00
_cell.angle_beta   90.00
_cell.angle_gamma   90.00
#
_symmetry.space_group_name_H-M   'P 21 21 21'
#
loop_
_entity.id
_entity.type
_entity.pdbx_description
1 polymer 'NEUROTENSIN RECEPTOR 1 TM86V'
2 polymer NEUROTENSIN
3 non-polymer GLYCINE
#
loop_
_entity_poly.entity_id
_entity_poly.type
_entity_poly.pdbx_seq_one_letter_code
_entity_poly.pdbx_strand_id
1 'polypeptide(L)'
;GPGSGPNSDLDVNTDIYSKVLVTAIYLALFVVGTVGNSVTLFTLARKKSLQSLQSTVDYYLGSLALSDLLILLLAMPVEL
YNFIWVHHPWAFGDAGCRGYYFLRDACTYATALNVVSLSVELYLAICHPFKAKTLMSRSRTKKFISAIWLASALLAIPML
FTMGLQNLSGDGTHPGGLVCTPIVDTATLKVVIQVNTFMSFLFPMLVASILNTVIANKLTVMVHQAAEQGRVCTEPGRVQ
ALRRGVLVLRAVVIAFVVCWLPYHVRRLMFCYISDEQWTTFLFDFYHYFYMLTNALVYVSAAINPILYNLVSANFRQVFL
STLACLCPGTRELEVLFQ
;
A,B
2 'polypeptide(L)' GGRRPYIL C,D
#
# COMPACT_ATOMS: atom_id res chain seq x y z
N PRO A 6 -20.24 8.13 -40.17
CA PRO A 6 -20.10 9.44 -39.52
C PRO A 6 -18.86 9.48 -38.63
N ASN A 7 -18.87 8.66 -37.60
CA ASN A 7 -17.76 8.56 -36.65
C ASN A 7 -17.10 7.19 -36.73
N SER A 8 -16.75 6.79 -37.96
CA SER A 8 -16.19 5.47 -38.20
C SER A 8 -14.69 5.42 -37.95
N ASP A 9 -14.15 6.52 -37.42
CA ASP A 9 -12.76 6.58 -37.03
C ASP A 9 -12.58 5.85 -35.70
N LEU A 10 -13.70 5.48 -35.10
CA LEU A 10 -13.71 4.85 -33.78
C LEU A 10 -14.07 3.38 -33.87
N ASP A 11 -14.26 2.89 -35.08
CA ASP A 11 -14.63 1.49 -35.28
C ASP A 11 -13.46 0.55 -35.07
N VAL A 12 -13.69 -0.49 -34.27
CA VAL A 12 -12.68 -1.51 -34.03
C VAL A 12 -12.94 -2.71 -34.93
N ASN A 13 -12.00 -3.01 -35.82
CA ASN A 13 -12.21 -4.03 -36.84
C ASN A 13 -11.76 -5.43 -36.43
N THR A 14 -12.33 -5.94 -35.35
CA THR A 14 -12.11 -7.33 -34.96
C THR A 14 -13.22 -8.23 -35.50
N ASP A 15 -12.82 -9.35 -36.09
CA ASP A 15 -13.75 -10.24 -36.77
C ASP A 15 -14.87 -10.77 -35.86
N ILE A 16 -15.96 -11.21 -36.48
CA ILE A 16 -17.14 -11.67 -35.75
C ILE A 16 -16.86 -12.94 -34.95
N TYR A 17 -16.10 -13.86 -35.55
CA TYR A 17 -15.82 -15.15 -34.93
C TYR A 17 -15.01 -15.02 -33.64
N SER A 18 -14.03 -14.13 -33.65
CA SER A 18 -13.19 -13.90 -32.47
C SER A 18 -14.00 -13.26 -31.34
N LYS A 19 -14.99 -12.46 -31.71
CA LYS A 19 -15.88 -11.85 -30.73
C LYS A 19 -16.74 -12.90 -30.04
N VAL A 20 -17.28 -13.83 -30.84
CA VAL A 20 -18.10 -14.91 -30.32
C VAL A 20 -17.27 -15.86 -29.47
N LEU A 21 -16.05 -16.13 -29.93
CA LEU A 21 -15.12 -17.01 -29.21
C LEU A 21 -14.82 -16.47 -27.81
N VAL A 22 -14.45 -15.20 -27.75
CA VAL A 22 -14.14 -14.54 -26.49
C VAL A 22 -15.40 -14.45 -25.61
N THR A 23 -16.54 -14.22 -26.25
CA THR A 23 -17.81 -14.15 -25.53
C THR A 23 -18.12 -15.51 -24.88
N ALA A 24 -17.87 -16.58 -25.63
CA ALA A 24 -18.07 -17.93 -25.12
C ALA A 24 -17.14 -18.22 -23.95
N ILE A 25 -15.90 -17.75 -24.05
CA ILE A 25 -14.92 -17.91 -22.99
C ILE A 25 -15.34 -17.15 -21.74
N TYR A 26 -15.76 -15.90 -21.93
CA TYR A 26 -16.20 -15.05 -20.82
C TYR A 26 -17.38 -15.66 -20.08
N LEU A 27 -18.38 -16.12 -20.82
CA LEU A 27 -19.57 -16.72 -20.22
C LEU A 27 -19.22 -17.97 -19.42
N ALA A 28 -18.28 -18.76 -19.95
CA ALA A 28 -17.83 -19.96 -19.27
C ALA A 28 -17.09 -19.60 -17.98
N LEU A 29 -16.19 -18.62 -18.08
CA LEU A 29 -15.47 -18.14 -16.91
C LEU A 29 -16.41 -17.45 -15.93
N PHE A 30 -17.49 -16.90 -16.44
CA PHE A 30 -18.52 -16.28 -15.60
C PHE A 30 -19.22 -17.34 -14.75
N VAL A 31 -19.74 -18.37 -15.41
CA VAL A 31 -20.45 -19.44 -14.73
C VAL A 31 -19.54 -20.16 -13.74
N VAL A 32 -18.36 -20.55 -14.19
CA VAL A 32 -17.38 -21.22 -13.34
C VAL A 32 -16.95 -20.31 -12.19
N GLY A 33 -16.69 -19.05 -12.51
CA GLY A 33 -16.22 -18.09 -11.52
C GLY A 33 -17.28 -17.70 -10.51
N THR A 34 -18.49 -17.41 -10.99
CA THR A 34 -19.58 -16.99 -10.11
C THR A 34 -19.99 -18.11 -9.17
N VAL A 35 -20.25 -19.29 -9.73
CA VAL A 35 -20.63 -20.45 -8.93
C VAL A 35 -19.50 -20.89 -8.00
N GLY A 36 -18.28 -20.91 -8.52
CA GLY A 36 -17.11 -21.34 -7.77
C GLY A 36 -16.88 -20.54 -6.50
N ASN A 37 -16.90 -19.22 -6.61
CA ASN A 37 -16.65 -18.35 -5.47
C ASN A 37 -17.86 -18.22 -4.55
N SER A 38 -19.04 -18.50 -5.09
CA SER A 38 -20.28 -18.40 -4.32
C SER A 38 -20.36 -19.50 -3.26
N VAL A 39 -20.24 -20.74 -3.71
CA VAL A 39 -20.30 -21.88 -2.78
C VAL A 39 -19.00 -22.04 -2.00
N THR A 40 -17.99 -21.25 -2.36
CA THR A 40 -16.77 -21.18 -1.56
C THR A 40 -17.03 -20.29 -0.35
N LEU A 41 -17.72 -19.18 -0.58
CA LEU A 41 -18.11 -18.29 0.51
C LEU A 41 -19.09 -18.98 1.45
N PHE A 42 -19.98 -19.78 0.89
CA PHE A 42 -20.95 -20.52 1.67
C PHE A 42 -20.25 -21.51 2.59
N THR A 43 -19.18 -22.11 2.10
CA THR A 43 -18.37 -23.05 2.87
C THR A 43 -17.59 -22.33 3.96
N LEU A 44 -17.05 -21.17 3.63
CA LEU A 44 -16.27 -20.37 4.58
C LEU A 44 -17.16 -19.67 5.60
N ALA A 45 -18.46 -19.61 5.33
CA ALA A 45 -19.40 -18.93 6.22
C ALA A 45 -20.09 -19.93 7.13
N ARG A 46 -20.08 -21.20 6.75
CA ARG A 46 -20.58 -22.26 7.64
C ARG A 46 -19.44 -22.76 8.51
N LYS A 47 -18.36 -21.99 8.56
CA LYS A 47 -17.24 -22.26 9.45
C LYS A 47 -17.76 -22.26 10.89
N LYS A 48 -17.38 -23.28 11.64
CA LYS A 48 -17.86 -23.49 13.01
C LYS A 48 -17.74 -22.24 13.89
N SER A 52 -8.46 -20.83 15.32
CA SER A 52 -7.02 -21.01 15.11
C SER A 52 -6.56 -20.38 13.80
N LEU A 53 -5.39 -20.78 13.34
CA LEU A 53 -4.78 -20.22 12.13
C LEU A 53 -5.60 -20.50 10.88
N GLN A 54 -6.25 -21.66 10.85
CA GLN A 54 -7.11 -22.05 9.74
C GLN A 54 -8.34 -21.14 9.69
N SER A 55 -8.75 -20.61 10.83
CA SER A 55 -9.91 -19.73 10.86
C SER A 55 -9.64 -18.34 10.27
N THR A 56 -8.46 -17.80 10.54
CA THR A 56 -8.06 -16.51 9.97
C THR A 56 -7.86 -16.54 8.45
N VAL A 57 -7.29 -17.64 7.94
CA VAL A 57 -7.05 -17.74 6.50
C VAL A 57 -8.37 -17.81 5.73
N ASP A 58 -9.42 -18.27 6.41
CA ASP A 58 -10.75 -18.31 5.82
C ASP A 58 -11.25 -16.90 5.50
N TYR A 59 -10.85 -15.95 6.34
CA TYR A 59 -11.19 -14.54 6.11
C TYR A 59 -10.43 -13.98 4.91
N TYR A 60 -9.19 -14.41 4.73
CA TYR A 60 -8.40 -13.99 3.58
C TYR A 60 -8.93 -14.63 2.31
N LEU A 61 -9.24 -15.91 2.38
CA LEU A 61 -9.81 -16.64 1.24
C LEU A 61 -11.21 -16.10 0.92
N GLY A 62 -11.93 -15.68 1.96
CA GLY A 62 -13.24 -15.10 1.79
C GLY A 62 -13.16 -13.71 1.18
N SER A 63 -12.14 -12.95 1.58
CA SER A 63 -11.93 -11.62 1.04
C SER A 63 -11.54 -11.70 -0.44
N LEU A 64 -10.81 -12.75 -0.79
CA LEU A 64 -10.41 -12.97 -2.17
C LEU A 64 -11.63 -13.36 -3.02
N ALA A 65 -12.47 -14.22 -2.47
CA ALA A 65 -13.66 -14.68 -3.17
C ALA A 65 -14.66 -13.56 -3.40
N LEU A 66 -14.68 -12.59 -2.48
CA LEU A 66 -15.55 -11.43 -2.61
C LEU A 66 -15.01 -10.54 -3.71
N SER A 67 -13.68 -10.40 -3.74
CA SER A 67 -13.01 -9.58 -4.75
C SER A 67 -13.18 -10.14 -6.15
N ASP A 68 -13.41 -11.45 -6.24
CA ASP A 68 -13.59 -12.12 -7.52
C ASP A 68 -15.04 -12.00 -8.02
N LEU A 69 -15.99 -12.12 -7.10
CA LEU A 69 -17.41 -12.02 -7.45
C LEU A 69 -17.77 -10.63 -7.96
N LEU A 70 -17.13 -9.61 -7.40
CA LEU A 70 -17.38 -8.24 -7.80
C LEU A 70 -17.00 -8.00 -9.26
N ILE A 71 -15.87 -8.56 -9.68
CA ILE A 71 -15.37 -8.38 -11.04
C ILE A 71 -16.19 -9.19 -12.04
N LEU A 72 -16.75 -10.31 -11.58
CA LEU A 72 -17.52 -11.18 -12.45
C LEU A 72 -18.96 -10.70 -12.66
N LEU A 73 -19.56 -10.18 -11.60
CA LEU A 73 -20.96 -9.75 -11.66
C LEU A 73 -21.12 -8.34 -12.22
N LEU A 74 -20.18 -7.46 -11.89
CA LEU A 74 -20.31 -6.05 -12.23
C LEU A 74 -19.46 -5.64 -13.44
N ALA A 75 -18.23 -6.11 -13.50
CA ALA A 75 -17.29 -5.67 -14.53
C ALA A 75 -17.45 -6.40 -15.86
N MET A 76 -17.69 -7.70 -15.80
CA MET A 76 -17.80 -8.51 -17.03
C MET A 76 -18.96 -8.11 -17.96
N PRO A 77 -20.20 -7.99 -17.44
CA PRO A 77 -21.28 -7.63 -18.37
C PRO A 77 -21.08 -6.24 -18.97
N VAL A 78 -20.39 -5.36 -18.26
CA VAL A 78 -20.07 -4.04 -18.76
C VAL A 78 -19.01 -4.14 -19.86
N GLU A 79 -17.93 -4.85 -19.59
CA GLU A 79 -16.83 -4.99 -20.54
C GLU A 79 -17.26 -5.79 -21.78
N LEU A 80 -18.03 -6.84 -21.56
CA LEU A 80 -18.47 -7.72 -22.65
C LEU A 80 -19.32 -6.97 -23.66
N TYR A 81 -19.98 -5.91 -23.23
CA TYR A 81 -20.81 -5.11 -24.11
C TYR A 81 -20.06 -3.93 -24.74
N ASN A 82 -19.48 -3.08 -23.89
CA ASN A 82 -18.92 -1.81 -24.34
C ASN A 82 -17.44 -1.82 -24.74
N PHE A 83 -16.79 -2.96 -24.58
CA PHE A 83 -15.36 -3.06 -24.90
C PHE A 83 -15.05 -4.13 -25.94
N ILE A 84 -15.96 -5.09 -26.10
CA ILE A 84 -15.75 -6.19 -27.03
C ILE A 84 -16.67 -6.12 -28.24
N TRP A 85 -17.95 -5.88 -27.99
CA TRP A 85 -18.94 -5.82 -29.06
C TRP A 85 -19.21 -4.39 -29.51
N VAL A 86 -19.87 -3.60 -28.67
CA VAL A 86 -20.18 -2.21 -29.01
C VAL A 86 -19.11 -1.27 -28.44
N HIS A 87 -18.13 -0.93 -29.27
CA HIS A 87 -17.02 -0.10 -28.82
C HIS A 87 -17.44 1.35 -28.66
N HIS A 88 -18.40 1.76 -29.47
CA HIS A 88 -18.96 3.11 -29.38
C HIS A 88 -20.42 3.12 -29.83
N PRO A 89 -21.26 3.89 -29.14
CA PRO A 89 -20.87 4.75 -28.02
C PRO A 89 -20.92 4.05 -26.67
N TRP A 90 -20.26 4.64 -25.67
CA TRP A 90 -20.35 4.14 -24.31
C TRP A 90 -21.79 4.30 -23.81
N ALA A 91 -22.37 3.21 -23.34
CA ALA A 91 -23.80 3.16 -23.05
C ALA A 91 -24.13 3.40 -21.59
N PHE A 92 -23.12 3.30 -20.74
CA PHE A 92 -23.35 3.45 -19.30
C PHE A 92 -23.09 4.90 -18.92
N GLY A 93 -23.27 5.23 -17.65
CA GLY A 93 -23.09 6.61 -17.22
C GLY A 93 -21.63 7.04 -17.15
N ASP A 94 -21.42 8.29 -16.75
CA ASP A 94 -20.09 8.81 -16.51
C ASP A 94 -19.59 8.12 -15.25
N ALA A 95 -20.53 7.88 -14.33
CA ALA A 95 -20.24 7.17 -13.09
C ALA A 95 -19.87 5.73 -13.41
N GLY A 96 -20.59 5.13 -14.36
CA GLY A 96 -20.32 3.77 -14.78
C GLY A 96 -18.98 3.65 -15.46
N CYS A 97 -18.55 4.73 -16.11
CA CYS A 97 -17.24 4.79 -16.74
C CYS A 97 -16.15 4.88 -15.68
N ARG A 98 -16.34 5.81 -14.75
CA ARG A 98 -15.39 6.02 -13.67
C ARG A 98 -15.43 4.88 -12.66
N GLY A 99 -16.64 4.38 -12.40
CA GLY A 99 -16.82 3.31 -11.43
C GLY A 99 -16.25 1.98 -11.91
N TYR A 100 -16.29 1.75 -13.21
CA TYR A 100 -15.73 0.54 -13.80
C TYR A 100 -14.24 0.45 -13.51
N TYR A 101 -13.49 1.44 -13.99
CA TYR A 101 -12.04 1.46 -13.82
C TYR A 101 -11.62 1.58 -12.35
N PHE A 102 -12.47 2.17 -11.52
CA PHE A 102 -12.20 2.27 -10.09
C PHE A 102 -12.29 0.91 -9.41
N LEU A 103 -13.41 0.24 -9.62
CA LEU A 103 -13.64 -1.09 -9.03
C LEU A 103 -12.58 -2.06 -9.54
N ARG A 104 -12.23 -1.92 -10.81
CA ARG A 104 -11.23 -2.78 -11.44
C ARG A 104 -9.88 -2.65 -10.77
N ASP A 105 -9.47 -1.42 -10.50
CA ASP A 105 -8.20 -1.17 -9.82
C ASP A 105 -8.24 -1.58 -8.35
N ALA A 106 -9.32 -1.22 -7.66
CA ALA A 106 -9.47 -1.49 -6.23
C ALA A 106 -9.40 -2.99 -5.90
N CYS A 107 -10.03 -3.81 -6.73
CA CYS A 107 -10.07 -5.24 -6.49
C CYS A 107 -8.70 -5.89 -6.63
N THR A 108 -7.91 -5.42 -7.58
CA THR A 108 -6.56 -5.96 -7.82
C THR A 108 -5.66 -5.69 -6.62
N TYR A 109 -5.77 -4.49 -6.05
CA TYR A 109 -5.02 -4.15 -4.85
C TYR A 109 -5.44 -5.06 -3.70
N ALA A 110 -6.74 -5.21 -3.52
CA ALA A 110 -7.29 -6.06 -2.48
C ALA A 110 -6.84 -7.51 -2.64
N THR A 111 -6.78 -7.97 -3.89
CA THR A 111 -6.32 -9.33 -4.16
C THR A 111 -4.82 -9.46 -3.88
N ALA A 112 -4.04 -8.54 -4.45
CA ALA A 112 -2.59 -8.57 -4.29
C ALA A 112 -2.13 -8.40 -2.84
N LEU A 113 -2.88 -7.63 -2.06
CA LEU A 113 -2.53 -7.39 -0.67
C LEU A 113 -2.89 -8.58 0.22
N ASN A 114 -3.97 -9.27 -0.13
CA ASN A 114 -4.35 -10.50 0.58
C ASN A 114 -3.29 -11.58 0.38
N VAL A 115 -2.75 -11.65 -0.83
CA VAL A 115 -1.72 -12.63 -1.17
C VAL A 115 -0.47 -12.44 -0.31
N VAL A 116 -0.02 -11.19 -0.20
CA VAL A 116 1.14 -10.87 0.62
C VAL A 116 0.87 -11.17 2.09
N SER A 117 -0.33 -10.82 2.54
CA SER A 117 -0.73 -11.06 3.93
C SER A 117 -0.75 -12.54 4.27
N LEU A 118 -1.25 -13.35 3.34
CA LEU A 118 -1.26 -14.80 3.52
C LEU A 118 0.16 -15.33 3.56
N SER A 119 1.04 -14.74 2.75
CA SER A 119 2.45 -15.11 2.75
C SER A 119 3.09 -14.75 4.08
N VAL A 120 2.64 -13.64 4.65
CA VAL A 120 3.11 -13.22 5.97
C VAL A 120 2.59 -14.16 7.04
N GLU A 121 1.27 -14.40 7.03
CA GLU A 121 0.63 -15.22 8.03
C GLU A 121 1.08 -16.68 7.99
N LEU A 122 1.33 -17.19 6.78
CA LEU A 122 1.77 -18.56 6.63
C LEU A 122 3.21 -18.72 7.11
N TYR A 123 4.03 -17.69 6.90
CA TYR A 123 5.41 -17.69 7.36
C TYR A 123 5.50 -17.73 8.88
N LEU A 124 4.69 -16.90 9.53
CA LEU A 124 4.69 -16.81 10.99
C LEU A 124 4.11 -18.07 11.61
N ALA A 125 3.19 -18.72 10.90
CA ALA A 125 2.56 -19.93 11.39
C ALA A 125 3.55 -21.09 11.42
N ILE A 126 4.58 -21.00 10.59
CA ILE A 126 5.61 -22.05 10.51
C ILE A 126 6.80 -21.73 11.40
N CYS A 127 7.36 -20.53 11.25
CA CYS A 127 8.57 -20.15 11.95
C CYS A 127 8.34 -19.86 13.43
N HIS A 128 7.30 -19.09 13.73
CA HIS A 128 6.97 -18.77 15.12
C HIS A 128 5.55 -19.18 15.47
N PRO A 129 5.32 -20.49 15.63
CA PRO A 129 3.96 -20.99 15.91
C PRO A 129 3.51 -20.64 17.32
N PHE A 130 4.46 -20.38 18.21
CA PHE A 130 4.14 -20.01 19.59
C PHE A 130 3.85 -18.52 19.72
N LYS A 131 4.55 -17.71 18.92
CA LYS A 131 4.29 -16.27 18.96
C LYS A 131 3.04 -15.90 18.19
N ALA A 132 2.78 -16.59 17.08
CA ALA A 132 1.67 -16.22 16.21
C ALA A 132 0.36 -16.95 16.51
N LYS A 133 0.36 -17.80 17.52
CA LYS A 133 -0.84 -18.54 17.90
C LYS A 133 -1.90 -17.64 18.53
N THR A 134 -1.46 -16.80 19.47
CA THR A 134 -2.37 -15.92 20.19
C THR A 134 -2.37 -14.45 19.72
N LEU A 135 -1.43 -14.07 18.86
CA LEU A 135 -1.34 -12.66 18.44
C LEU A 135 -2.55 -12.21 17.62
N MET A 136 -2.85 -12.90 16.53
CA MET A 136 -4.03 -12.54 15.74
C MET A 136 -5.35 -13.15 16.23
N SER A 137 -6.21 -12.32 16.80
CA SER A 137 -7.57 -12.74 17.15
C SER A 137 -8.49 -12.39 15.97
N ARG A 138 -9.54 -13.17 15.75
CA ARG A 138 -10.49 -12.89 14.66
C ARG A 138 -10.97 -11.45 14.65
N SER A 139 -11.01 -10.83 15.82
CA SER A 139 -11.36 -9.41 15.95
C SER A 139 -10.32 -8.56 15.25
N ARG A 140 -9.05 -8.90 15.44
CA ARG A 140 -7.95 -8.17 14.82
C ARG A 140 -7.85 -8.47 13.32
N THR A 141 -8.06 -9.73 12.95
CA THR A 141 -7.96 -10.16 11.56
C THR A 141 -9.02 -9.52 10.67
N LYS A 142 -10.25 -9.45 11.17
CA LYS A 142 -11.34 -8.80 10.44
C LYS A 142 -11.04 -7.33 10.22
N LYS A 143 -10.41 -6.71 11.23
CA LYS A 143 -10.01 -5.31 11.12
C LYS A 143 -8.93 -5.14 10.04
N PHE A 144 -8.07 -6.15 9.92
CA PHE A 144 -7.01 -6.11 8.92
C PHE A 144 -7.56 -6.33 7.51
N ILE A 145 -8.57 -7.19 7.39
CA ILE A 145 -9.21 -7.45 6.10
C ILE A 145 -9.88 -6.19 5.58
N SER A 146 -10.55 -5.47 6.48
CA SER A 146 -11.22 -4.22 6.13
C SER A 146 -10.20 -3.15 5.76
N ALA A 147 -9.08 -3.15 6.48
CA ALA A 147 -8.01 -2.18 6.22
C ALA A 147 -7.44 -2.34 4.82
N ILE A 148 -7.31 -3.60 4.38
CA ILE A 148 -6.80 -3.90 3.05
C ILE A 148 -7.73 -3.33 1.97
N TRP A 149 -9.02 -3.57 2.12
CA TRP A 149 -10.02 -3.07 1.17
C TRP A 149 -10.03 -1.55 1.08
N LEU A 150 -9.96 -0.88 2.23
CA LEU A 150 -9.97 0.58 2.26
C LEU A 150 -8.71 1.17 1.64
N ALA A 151 -7.57 0.57 1.95
CA ALA A 151 -6.31 0.99 1.35
C ALA A 151 -6.36 0.79 -0.16
N SER A 152 -7.03 -0.27 -0.58
CA SER A 152 -7.20 -0.57 -1.99
C SER A 152 -8.04 0.50 -2.68
N ALA A 153 -9.06 0.99 -1.99
CA ALA A 153 -9.94 2.02 -2.52
C ALA A 153 -9.20 3.34 -2.65
N LEU A 154 -8.34 3.63 -1.68
CA LEU A 154 -7.55 4.86 -1.68
C LEU A 154 -6.57 4.87 -2.86
N LEU A 155 -6.00 3.71 -3.15
CA LEU A 155 -5.02 3.60 -4.23
C LEU A 155 -5.69 3.60 -5.61
N ALA A 156 -6.99 3.33 -5.63
CA ALA A 156 -7.74 3.27 -6.88
C ALA A 156 -8.39 4.62 -7.21
N ILE A 157 -8.24 5.57 -6.29
CA ILE A 157 -8.78 6.92 -6.48
C ILE A 157 -8.41 7.63 -7.80
N PRO A 158 -7.13 7.55 -8.24
CA PRO A 158 -6.76 8.23 -9.49
C PRO A 158 -7.64 7.87 -10.70
N MET A 159 -8.21 6.67 -10.72
CA MET A 159 -9.05 6.25 -11.84
C MET A 159 -10.37 7.02 -11.91
N LEU A 160 -10.78 7.59 -10.78
CA LEU A 160 -11.98 8.41 -10.74
C LEU A 160 -11.74 9.77 -11.37
N PHE A 161 -10.47 10.13 -11.53
CA PHE A 161 -10.11 11.43 -12.08
C PHE A 161 -9.40 11.29 -13.42
N THR A 162 -8.84 10.11 -13.67
CA THR A 162 -8.14 9.84 -14.92
C THR A 162 -9.12 9.46 -16.03
N MET A 163 -10.13 8.67 -15.67
CA MET A 163 -11.12 8.22 -16.65
C MET A 163 -12.31 9.16 -16.73
N GLY A 164 -13.00 9.13 -17.86
CA GLY A 164 -14.17 9.97 -18.07
C GLY A 164 -14.74 9.86 -19.47
N LEU A 165 -15.83 10.58 -19.72
CA LEU A 165 -16.49 10.55 -21.02
C LEU A 165 -15.97 11.63 -21.96
N GLN A 166 -15.68 11.23 -23.20
CA GLN A 166 -15.33 12.17 -24.26
C GLN A 166 -16.08 11.83 -25.53
N ASN A 167 -16.36 12.85 -26.33
CA ASN A 167 -17.01 12.65 -27.61
C ASN A 167 -15.98 12.70 -28.73
N LEU A 168 -15.44 11.55 -29.10
CA LEU A 168 -14.37 11.49 -30.08
C LEU A 168 -14.89 11.39 -31.51
N SER A 169 -16.13 11.79 -31.73
CA SER A 169 -16.70 11.84 -33.07
C SER A 169 -16.02 12.95 -33.87
N GLY A 170 -16.34 13.02 -35.16
CA GLY A 170 -15.71 13.97 -36.06
C GLY A 170 -15.73 15.40 -35.56
N ASP A 171 -16.91 15.88 -35.20
CA ASP A 171 -17.07 17.23 -34.70
C ASP A 171 -17.21 17.27 -33.17
N GLY A 172 -17.12 16.09 -32.56
CA GLY A 172 -17.24 15.97 -31.12
C GLY A 172 -18.64 16.28 -30.65
N THR A 173 -19.61 16.09 -31.54
CA THR A 173 -21.00 16.43 -31.26
C THR A 173 -21.94 15.25 -31.43
N HIS A 174 -21.49 14.25 -32.19
CA HIS A 174 -22.33 13.09 -32.49
C HIS A 174 -22.38 12.14 -31.30
N PRO A 175 -23.59 11.80 -30.84
CA PRO A 175 -23.83 10.94 -29.67
C PRO A 175 -23.15 9.58 -29.79
N GLY A 176 -22.98 9.10 -31.01
CA GLY A 176 -22.36 7.81 -31.25
C GLY A 176 -20.86 7.81 -30.99
N GLY A 177 -20.29 9.01 -30.87
CA GLY A 177 -18.87 9.16 -30.61
C GLY A 177 -18.56 9.25 -29.14
N LEU A 178 -19.59 9.10 -28.30
CA LEU A 178 -19.42 9.16 -26.86
C LEU A 178 -18.71 7.92 -26.33
N VAL A 179 -17.45 8.08 -25.93
CA VAL A 179 -16.67 6.93 -25.49
C VAL A 179 -16.11 7.10 -24.08
N CYS A 180 -15.78 5.98 -23.45
CA CYS A 180 -15.14 5.99 -22.15
C CYS A 180 -13.63 5.87 -22.36
N THR A 181 -12.91 6.96 -22.07
CA THR A 181 -11.49 7.03 -22.40
C THR A 181 -10.78 7.91 -21.37
N PRO A 182 -9.46 7.72 -21.20
CA PRO A 182 -8.70 8.64 -20.35
C PRO A 182 -8.86 10.09 -20.79
N ILE A 183 -9.26 10.94 -19.85
CA ILE A 183 -9.54 12.33 -20.12
C ILE A 183 -8.42 13.23 -19.61
N VAL A 184 -7.33 12.60 -19.18
CA VAL A 184 -6.19 13.33 -18.64
C VAL A 184 -5.02 13.31 -19.62
N ASP A 185 -4.03 14.16 -19.38
CA ASP A 185 -2.86 14.27 -20.26
C ASP A 185 -2.10 12.95 -20.36
N THR A 186 -1.39 12.78 -21.47
CA THR A 186 -0.65 11.54 -21.73
C THR A 186 0.46 11.34 -20.70
N ALA A 187 1.05 12.44 -20.25
CA ALA A 187 2.09 12.38 -19.23
C ALA A 187 1.50 11.94 -17.90
N THR A 188 0.32 12.46 -17.59
CA THR A 188 -0.38 12.12 -16.36
C THR A 188 -0.84 10.66 -16.41
N LEU A 189 -1.26 10.21 -17.59
CA LEU A 189 -1.73 8.83 -17.75
C LEU A 189 -0.62 7.82 -17.50
N LYS A 190 0.58 8.11 -18.01
CA LYS A 190 1.72 7.25 -17.80
C LYS A 190 2.01 7.09 -16.33
N VAL A 191 1.96 8.20 -15.60
CA VAL A 191 2.21 8.20 -14.17
C VAL A 191 1.21 7.34 -13.40
N VAL A 192 -0.08 7.51 -13.67
CA VAL A 192 -1.10 6.77 -12.94
C VAL A 192 -1.08 5.29 -13.29
N ILE A 193 -0.64 4.96 -14.50
CA ILE A 193 -0.53 3.57 -14.92
C ILE A 193 0.71 2.91 -14.32
N GLN A 194 1.82 3.64 -14.30
CA GLN A 194 3.05 3.15 -13.69
C GLN A 194 2.83 2.79 -12.22
N VAL A 195 2.27 3.73 -11.47
CA VAL A 195 2.00 3.53 -10.05
C VAL A 195 1.11 2.32 -9.81
N ASN A 196 0.13 2.13 -10.67
CA ASN A 196 -0.74 0.96 -10.60
C ASN A 196 0.03 -0.33 -10.91
N THR A 197 0.90 -0.25 -11.92
CA THR A 197 1.70 -1.40 -12.33
C THR A 197 2.67 -1.82 -11.23
N PHE A 198 3.22 -0.84 -10.53
CA PHE A 198 4.16 -1.10 -9.45
C PHE A 198 3.48 -1.61 -8.19
N MET A 199 2.47 -0.87 -7.72
CA MET A 199 1.84 -1.14 -6.43
C MET A 199 0.85 -2.31 -6.43
N SER A 200 0.25 -2.59 -7.58
CA SER A 200 -0.75 -3.65 -7.66
C SER A 200 -0.20 -4.94 -8.25
N PHE A 201 1.00 -4.86 -8.83
CA PHE A 201 1.59 -6.03 -9.48
C PHE A 201 3.03 -6.31 -9.03
N LEU A 202 3.96 -5.50 -9.52
CA LEU A 202 5.39 -5.76 -9.29
C LEU A 202 5.80 -5.80 -7.83
N PHE A 203 5.46 -4.77 -7.07
CA PHE A 203 5.86 -4.71 -5.67
C PHE A 203 5.26 -5.84 -4.81
N PRO A 204 3.92 -6.02 -4.82
CA PRO A 204 3.39 -7.07 -3.96
C PRO A 204 3.79 -8.49 -4.39
N MET A 205 3.87 -8.72 -5.71
CA MET A 205 4.23 -10.05 -6.21
C MET A 205 5.70 -10.39 -6.02
N LEU A 206 6.58 -9.39 -6.16
CA LEU A 206 8.00 -9.61 -5.93
C LEU A 206 8.23 -9.98 -4.47
N VAL A 207 7.47 -9.34 -3.58
CA VAL A 207 7.53 -9.65 -2.16
C VAL A 207 6.97 -11.04 -1.88
N ALA A 208 5.78 -11.30 -2.41
CA ALA A 208 5.12 -12.59 -2.21
C ALA A 208 5.92 -13.75 -2.81
N SER A 209 6.64 -13.46 -3.89
CA SER A 209 7.48 -14.48 -4.53
C SER A 209 8.65 -14.83 -3.62
N ILE A 210 9.25 -13.80 -3.02
CA ILE A 210 10.35 -14.00 -2.09
C ILE A 210 9.89 -14.77 -0.86
N LEU A 211 8.75 -14.36 -0.30
CA LEU A 211 8.20 -15.01 0.88
C LEU A 211 7.83 -16.47 0.61
N ASN A 212 7.15 -16.72 -0.50
CA ASN A 212 6.76 -18.08 -0.86
C ASN A 212 7.95 -18.98 -1.13
N THR A 213 9.06 -18.38 -1.52
CA THR A 213 10.30 -19.12 -1.73
C THR A 213 10.90 -19.50 -0.38
N VAL A 214 10.89 -18.55 0.55
CA VAL A 214 11.38 -18.77 1.90
C VAL A 214 10.50 -19.76 2.65
N ILE A 215 9.19 -19.59 2.49
CA ILE A 215 8.20 -20.42 3.18
C ILE A 215 8.37 -21.89 2.80
N ALA A 216 8.65 -22.13 1.52
CA ALA A 216 8.85 -23.49 1.02
C ALA A 216 10.11 -24.12 1.60
N ASN A 217 11.15 -23.29 1.77
CA ASN A 217 12.41 -23.76 2.33
C ASN A 217 12.38 -23.90 3.85
N LYS A 218 11.76 -22.93 4.52
CA LYS A 218 11.65 -22.94 5.97
C LYS A 218 10.82 -24.11 6.48
N LEU A 219 9.81 -24.51 5.71
CA LEU A 219 8.94 -25.61 6.09
C LEU A 219 9.70 -26.94 6.13
N THR A 220 10.56 -27.16 5.14
CA THR A 220 11.35 -28.37 5.06
C THR A 220 12.39 -28.44 6.18
N VAL A 221 12.91 -27.28 6.59
CA VAL A 221 13.84 -27.23 7.70
C VAL A 221 13.13 -27.62 9.00
N MET A 222 11.91 -27.11 9.15
CA MET A 222 11.10 -27.36 10.35
C MET A 222 10.47 -28.74 10.41
N VAL A 223 10.33 -29.40 9.26
CA VAL A 223 9.61 -30.68 9.19
C VAL A 223 10.41 -31.82 9.81
N HIS A 224 11.68 -31.55 10.12
CA HIS A 224 12.50 -32.52 10.84
C HIS A 224 13.07 -31.89 12.11
N GLN A 225 13.49 -30.64 12.01
CA GLN A 225 14.03 -29.92 13.15
C GLN A 225 13.83 -28.42 13.00
N PRO A 236 1.94 -34.01 12.38
CA PRO A 236 0.87 -34.97 12.04
C PRO A 236 -0.11 -34.40 11.01
N GLY A 237 -1.25 -33.90 11.48
CA GLY A 237 -2.22 -33.29 10.60
C GLY A 237 -1.92 -31.82 10.38
N ARG A 238 -0.99 -31.29 11.16
CA ARG A 238 -0.61 -29.89 11.03
C ARG A 238 0.30 -29.71 9.83
N VAL A 239 1.29 -30.59 9.71
CA VAL A 239 2.28 -30.49 8.63
C VAL A 239 1.67 -30.72 7.26
N GLN A 240 0.60 -31.52 7.21
CA GLN A 240 -0.13 -31.73 5.97
C GLN A 240 -1.00 -30.53 5.64
N ALA A 241 -1.57 -29.92 6.68
CA ALA A 241 -2.37 -28.72 6.49
C ALA A 241 -1.49 -27.55 6.07
N LEU A 242 -0.30 -27.47 6.67
CA LEU A 242 0.67 -26.45 6.28
C LEU A 242 1.15 -26.68 4.85
N ARG A 243 1.37 -27.94 4.50
CA ARG A 243 1.85 -28.27 3.16
C ARG A 243 0.83 -27.88 2.08
N ARG A 244 -0.45 -28.13 2.32
CA ARG A 244 -1.48 -27.72 1.36
C ARG A 244 -1.54 -26.20 1.29
N GLY A 245 -1.31 -25.53 2.41
CA GLY A 245 -1.33 -24.08 2.46
C GLY A 245 -0.21 -23.50 1.60
N VAL A 246 0.94 -24.16 1.61
CA VAL A 246 2.09 -23.76 0.83
C VAL A 246 1.85 -23.94 -0.66
N LEU A 247 1.30 -25.09 -1.02
CA LEU A 247 1.07 -25.43 -2.43
C LEU A 247 -0.01 -24.55 -3.06
N VAL A 248 -1.08 -24.28 -2.32
CA VAL A 248 -2.13 -23.37 -2.78
C VAL A 248 -1.62 -21.95 -2.94
N LEU A 249 -0.97 -21.42 -1.90
CA LEU A 249 -0.46 -20.06 -1.94
C LEU A 249 0.55 -19.86 -3.06
N ARG A 250 1.42 -20.83 -3.23
CA ARG A 250 2.40 -20.78 -4.32
C ARG A 250 1.68 -20.74 -5.67
N ALA A 251 0.65 -21.57 -5.81
CA ALA A 251 -0.10 -21.64 -7.06
C ALA A 251 -0.86 -20.34 -7.33
N VAL A 252 -1.37 -19.72 -6.28
CA VAL A 252 -2.08 -18.45 -6.40
C VAL A 252 -1.15 -17.34 -6.88
N VAL A 253 0.05 -17.29 -6.31
CA VAL A 253 1.04 -16.27 -6.67
C VAL A 253 1.47 -16.35 -8.12
N ILE A 254 1.84 -17.55 -8.57
CA ILE A 254 2.27 -17.75 -9.96
C ILE A 254 1.13 -17.48 -10.92
N ALA A 255 -0.08 -17.88 -10.55
CA ALA A 255 -1.25 -17.67 -11.40
C ALA A 255 -1.60 -16.19 -11.49
N PHE A 256 -1.33 -15.47 -10.41
CA PHE A 256 -1.57 -14.02 -10.39
C PHE A 256 -0.60 -13.33 -11.34
N VAL A 257 0.67 -13.74 -11.27
CA VAL A 257 1.72 -13.16 -12.10
C VAL A 257 1.47 -13.39 -13.58
N VAL A 258 1.22 -14.64 -13.95
CA VAL A 258 1.01 -15.02 -15.34
C VAL A 258 -0.21 -14.34 -15.97
N CYS A 259 -1.30 -14.27 -15.22
CA CYS A 259 -2.55 -13.71 -15.71
C CYS A 259 -2.52 -12.19 -15.88
N TRP A 260 -1.87 -11.51 -14.94
CA TRP A 260 -1.90 -10.04 -14.91
C TRP A 260 -0.75 -9.38 -15.66
N LEU A 261 0.26 -10.16 -16.04
CA LEU A 261 1.40 -9.59 -16.77
C LEU A 261 1.06 -9.03 -18.16
N PRO A 262 0.39 -9.83 -19.03
CA PRO A 262 0.06 -9.27 -20.36
C PRO A 262 -0.88 -8.08 -20.25
N TYR A 263 -1.71 -8.09 -19.21
CA TYR A 263 -2.64 -6.99 -18.94
C TYR A 263 -1.87 -5.68 -18.71
N HIS A 264 -0.87 -5.74 -17.85
CA HIS A 264 -0.07 -4.56 -17.53
C HIS A 264 0.83 -4.13 -18.69
N VAL A 265 1.28 -5.09 -19.48
CA VAL A 265 2.06 -4.79 -20.67
C VAL A 265 1.21 -3.99 -21.65
N ARG A 266 -0.05 -4.41 -21.80
CA ARG A 266 -0.98 -3.75 -22.72
C ARG A 266 -1.29 -2.30 -22.33
N ARG A 267 -1.49 -2.07 -21.04
CA ARG A 267 -1.79 -0.72 -20.56
C ARG A 267 -0.60 0.22 -20.74
N LEU A 268 0.60 -0.31 -20.53
CA LEU A 268 1.81 0.45 -20.78
C LEU A 268 1.98 0.66 -22.27
N MET A 269 1.61 -0.36 -23.05
CA MET A 269 1.65 -0.28 -24.51
C MET A 269 0.71 0.81 -25.01
N PHE A 270 -0.40 0.98 -24.30
CA PHE A 270 -1.43 1.96 -24.66
C PHE A 270 -0.90 3.39 -24.61
N CYS A 271 -0.08 3.70 -23.61
CA CYS A 271 0.35 5.07 -23.37
C CYS A 271 1.81 5.35 -23.77
N TYR A 272 2.60 4.31 -23.91
CA TYR A 272 4.02 4.50 -24.21
C TYR A 272 4.32 4.55 -25.71
N ILE A 273 3.44 3.96 -26.51
CA ILE A 273 3.55 4.10 -27.96
C ILE A 273 3.06 5.48 -28.36
N SER A 274 3.91 6.25 -29.02
CA SER A 274 3.58 7.61 -29.43
C SER A 274 2.48 7.62 -30.49
N ASP A 275 1.81 8.76 -30.63
CA ASP A 275 0.72 8.89 -31.60
C ASP A 275 1.18 8.70 -33.03
N GLU A 276 2.42 9.11 -33.31
CA GLU A 276 2.98 8.99 -34.65
C GLU A 276 3.42 7.56 -34.96
N GLN A 277 3.56 6.75 -33.91
CA GLN A 277 4.00 5.36 -34.07
C GLN A 277 2.83 4.42 -34.32
N TRP A 278 1.63 4.83 -33.90
CA TRP A 278 0.45 4.00 -34.05
C TRP A 278 0.01 3.83 -35.49
N THR A 279 0.01 2.59 -35.96
CA THR A 279 -0.49 2.27 -37.29
C THR A 279 -1.82 1.53 -37.13
N THR A 280 -2.47 1.22 -38.25
CA THR A 280 -3.74 0.52 -38.20
C THR A 280 -3.50 -0.95 -37.85
N PHE A 281 -2.27 -1.41 -38.05
CA PHE A 281 -1.89 -2.76 -37.68
C PHE A 281 -1.78 -2.87 -36.17
N LEU A 282 -1.04 -1.93 -35.57
CA LEU A 282 -0.88 -1.88 -34.13
C LEU A 282 -2.23 -1.64 -33.45
N PHE A 283 -3.09 -0.89 -34.14
CA PHE A 283 -4.44 -0.62 -33.65
C PHE A 283 -5.27 -1.90 -33.60
N ASP A 284 -5.26 -2.65 -34.70
CA ASP A 284 -6.02 -3.89 -34.77
C ASP A 284 -5.43 -4.97 -33.87
N PHE A 285 -4.11 -5.00 -33.76
CA PHE A 285 -3.44 -5.96 -32.88
C PHE A 285 -3.78 -5.68 -31.42
N TYR A 286 -3.87 -4.40 -31.06
CA TYR A 286 -4.15 -3.99 -29.69
C TYR A 286 -5.48 -4.54 -29.18
N HIS A 287 -6.49 -4.55 -30.05
CA HIS A 287 -7.83 -4.96 -29.65
C HIS A 287 -8.00 -6.48 -29.65
N TYR A 288 -7.18 -7.16 -30.42
CA TYR A 288 -7.11 -8.61 -30.34
C TYR A 288 -6.31 -8.99 -29.09
N PHE A 289 -5.28 -8.20 -28.81
CA PHE A 289 -4.48 -8.37 -27.61
C PHE A 289 -5.36 -8.12 -26.39
N TYR A 290 -6.24 -7.12 -26.50
CA TYR A 290 -7.16 -6.77 -25.43
C TYR A 290 -8.03 -7.96 -25.05
N MET A 291 -8.45 -8.73 -26.06
CA MET A 291 -9.25 -9.92 -25.83
C MET A 291 -8.46 -10.95 -25.05
N LEU A 292 -7.18 -11.10 -25.39
CA LEU A 292 -6.32 -12.09 -24.76
C LEU A 292 -5.95 -11.69 -23.33
N THR A 293 -5.60 -10.43 -23.14
CA THR A 293 -5.19 -9.94 -21.82
C THR A 293 -6.31 -10.00 -20.80
N ASN A 294 -7.49 -9.54 -21.21
CA ASN A 294 -8.64 -9.48 -20.31
C ASN A 294 -9.33 -10.82 -20.09
N ALA A 295 -9.10 -11.76 -21.00
CA ALA A 295 -9.60 -13.12 -20.81
C ALA A 295 -8.85 -13.77 -19.67
N LEU A 296 -7.55 -13.47 -19.58
CA LEU A 296 -6.70 -14.00 -18.52
C LEU A 296 -7.04 -13.37 -17.17
N VAL A 297 -7.63 -12.18 -17.22
CA VAL A 297 -8.08 -11.50 -15.99
C VAL A 297 -9.23 -12.24 -15.34
N TYR A 298 -10.17 -12.69 -16.16
CA TYR A 298 -11.33 -13.43 -15.67
C TYR A 298 -10.99 -14.86 -15.33
N VAL A 299 -9.84 -15.33 -15.84
CA VAL A 299 -9.30 -16.61 -15.44
C VAL A 299 -8.85 -16.53 -13.99
N SER A 300 -8.25 -15.39 -13.64
CA SER A 300 -7.76 -15.16 -12.29
C SER A 300 -8.86 -15.17 -11.24
N ALA A 301 -10.08 -14.83 -11.66
CA ALA A 301 -11.21 -14.76 -10.74
C ALA A 301 -12.03 -16.06 -10.74
N ALA A 302 -11.45 -17.12 -11.30
CA ALA A 302 -12.16 -18.40 -11.38
C ALA A 302 -11.27 -19.59 -11.00
N ILE A 303 -9.96 -19.36 -10.96
CA ILE A 303 -9.02 -20.45 -10.70
C ILE A 303 -8.93 -20.84 -9.23
N ASN A 304 -9.13 -19.87 -8.35
CA ASN A 304 -9.01 -20.10 -6.91
C ASN A 304 -9.90 -21.21 -6.34
N PRO A 305 -11.22 -21.22 -6.67
CA PRO A 305 -12.03 -22.33 -6.18
C PRO A 305 -11.59 -23.67 -6.75
N ILE A 306 -11.04 -23.66 -7.96
CA ILE A 306 -10.53 -24.87 -8.58
C ILE A 306 -9.29 -25.36 -7.85
N LEU A 307 -8.43 -24.42 -7.44
CA LEU A 307 -7.21 -24.74 -6.72
C LEU A 307 -7.52 -25.30 -5.34
N TYR A 308 -8.54 -24.74 -4.69
CA TYR A 308 -8.93 -25.17 -3.35
C TYR A 308 -9.43 -26.61 -3.38
N ASN A 309 -10.17 -26.95 -4.43
CA ASN A 309 -10.71 -28.30 -4.60
C ASN A 309 -9.62 -29.32 -4.89
N LEU A 310 -8.69 -28.95 -5.77
CA LEU A 310 -7.63 -29.85 -6.21
C LEU A 310 -6.69 -30.25 -5.08
N VAL A 311 -6.32 -29.29 -4.25
CA VAL A 311 -5.34 -29.53 -3.20
C VAL A 311 -5.98 -30.06 -1.91
N SER A 312 -6.86 -29.27 -1.32
CA SER A 312 -7.50 -29.64 -0.07
C SER A 312 -8.58 -30.69 -0.28
N ALA A 313 -8.31 -31.91 0.18
CA ALA A 313 -9.26 -33.01 0.06
C ALA A 313 -10.48 -32.80 0.95
N ASN A 314 -10.23 -32.20 2.11
CA ASN A 314 -11.30 -31.91 3.07
C ASN A 314 -12.28 -30.88 2.52
N PHE A 315 -11.74 -29.91 1.79
CA PHE A 315 -12.54 -28.84 1.21
C PHE A 315 -13.36 -29.36 0.03
N ARG A 316 -12.75 -30.23 -0.76
CA ARG A 316 -13.37 -30.76 -1.97
C ARG A 316 -14.69 -31.47 -1.63
N GLN A 317 -14.73 -32.12 -0.48
CA GLN A 317 -15.91 -32.88 -0.06
C GLN A 317 -17.09 -31.99 0.31
N VAL A 318 -16.83 -30.94 1.09
CA VAL A 318 -17.89 -30.02 1.48
C VAL A 318 -18.28 -29.09 0.33
N PHE A 319 -17.33 -28.78 -0.54
CA PHE A 319 -17.59 -27.93 -1.70
C PHE A 319 -18.62 -28.58 -2.62
N LEU A 320 -18.41 -29.86 -2.92
CA LEU A 320 -19.34 -30.60 -3.78
C LEU A 320 -20.65 -30.87 -3.06
N SER A 321 -20.59 -30.93 -1.73
CA SER A 321 -21.78 -31.15 -0.91
C SER A 321 -22.69 -29.92 -0.92
N THR A 322 -22.07 -28.74 -0.94
CA THR A 322 -22.81 -27.49 -1.01
C THR A 322 -23.18 -27.15 -2.45
N LEU A 323 -22.57 -27.87 -3.38
CA LEU A 323 -22.76 -27.66 -4.82
C LEU A 323 -24.13 -28.16 -5.30
N ALA A 324 -24.86 -28.84 -4.42
CA ALA A 324 -26.18 -29.38 -4.77
C ALA A 324 -27.15 -28.26 -5.12
N CYS A 325 -27.14 -27.20 -4.33
CA CYS A 325 -27.98 -26.00 -4.55
C CYS A 325 -29.41 -26.32 -4.96
N PRO B 6 -16.27 30.33 30.84
CA PRO B 6 -14.94 30.83 30.42
C PRO B 6 -14.43 30.06 29.22
N ASN B 7 -13.22 30.38 28.77
CA ASN B 7 -12.62 29.66 27.65
C ASN B 7 -11.37 28.90 28.09
N SER B 8 -11.38 28.46 29.34
CA SER B 8 -10.26 27.72 29.91
C SER B 8 -10.47 26.21 29.88
N ASP B 9 -11.55 25.78 29.25
CA ASP B 9 -11.87 24.35 29.19
C ASP B 9 -10.98 23.62 28.20
N LEU B 10 -10.23 24.38 27.40
CA LEU B 10 -9.39 23.79 26.36
C LEU B 10 -7.91 23.92 26.70
N ASP B 11 -7.63 24.44 27.89
CA ASP B 11 -6.25 24.61 28.35
C ASP B 11 -5.64 23.27 28.75
N VAL B 12 -4.45 23.00 28.24
CA VAL B 12 -3.71 21.79 28.60
C VAL B 12 -2.67 22.10 29.67
N ASN B 13 -2.84 21.50 30.84
CA ASN B 13 -2.02 21.84 31.99
C ASN B 13 -0.75 21.01 32.16
N THR B 14 0.14 21.10 31.17
CA THR B 14 1.46 20.50 31.31
C THR B 14 2.41 21.56 31.85
N ASP B 15 3.19 21.20 32.86
CA ASP B 15 4.03 22.16 33.57
C ASP B 15 5.04 22.86 32.67
N ILE B 16 5.51 24.03 33.12
CA ILE B 16 6.42 24.85 32.33
C ILE B 16 7.77 24.17 32.10
N TYR B 17 8.25 23.47 33.11
CA TYR B 17 9.56 22.82 33.06
C TYR B 17 9.61 21.73 31.99
N SER B 18 8.54 20.94 31.92
CA SER B 18 8.46 19.86 30.95
C SER B 18 8.34 20.39 29.52
N LYS B 19 7.69 21.54 29.37
CA LYS B 19 7.58 22.19 28.07
C LYS B 19 8.96 22.63 27.57
N VAL B 20 9.73 23.21 28.48
CA VAL B 20 11.09 23.66 28.18
C VAL B 20 11.98 22.47 27.85
N LEU B 21 11.82 21.39 28.58
CA LEU B 21 12.59 20.16 28.37
C LEU B 21 12.36 19.58 26.99
N VAL B 22 11.10 19.45 26.60
CA VAL B 22 10.74 18.92 25.29
C VAL B 22 11.17 19.86 24.16
N THR B 23 11.04 21.17 24.39
CA THR B 23 11.46 22.16 23.41
C THR B 23 12.96 22.06 23.15
N ALA B 24 13.73 21.88 24.22
CA ALA B 24 15.17 21.72 24.11
C ALA B 24 15.52 20.47 23.31
N ILE B 25 14.76 19.39 23.55
CA ILE B 25 14.94 18.15 22.82
C ILE B 25 14.59 18.32 21.34
N TYR B 26 13.45 18.97 21.08
CA TYR B 26 12.99 19.21 19.71
C TYR B 26 14.00 20.04 18.93
N LEU B 27 14.48 21.13 19.54
CA LEU B 27 15.44 22.01 18.89
C LEU B 27 16.75 21.28 18.58
N ALA B 28 17.18 20.44 19.51
CA ALA B 28 18.39 19.65 19.34
C ALA B 28 18.24 18.64 18.21
N LEU B 29 17.11 17.93 18.21
CA LEU B 29 16.82 16.96 17.16
C LEU B 29 16.58 17.66 15.83
N PHE B 30 16.17 18.92 15.89
CA PHE B 30 16.01 19.73 14.69
C PHE B 30 17.38 19.98 14.07
N VAL B 31 18.30 20.49 14.89
CA VAL B 31 19.66 20.78 14.44
C VAL B 31 20.36 19.51 13.94
N VAL B 32 20.32 18.45 14.75
CA VAL B 32 20.92 17.18 14.38
C VAL B 32 20.26 16.59 13.14
N GLY B 33 18.94 16.64 13.11
CA GLY B 33 18.17 16.07 12.01
C GLY B 33 18.28 16.83 10.70
N THR B 34 18.16 18.16 10.76
CA THR B 34 18.22 18.98 9.56
C THR B 34 19.60 18.93 8.92
N VAL B 35 20.63 19.17 9.73
CA VAL B 35 22.01 19.12 9.24
C VAL B 35 22.34 17.70 8.78
N GLY B 36 21.91 16.71 9.56
CA GLY B 36 22.16 15.32 9.26
C GLY B 36 21.63 14.89 7.90
N ASN B 37 20.36 15.21 7.62
CA ASN B 37 19.73 14.82 6.36
C ASN B 37 20.09 15.71 5.17
N SER B 38 20.52 16.94 5.45
CA SER B 38 20.86 17.88 4.39
C SER B 38 22.13 17.49 3.65
N VAL B 39 23.22 17.34 4.40
CA VAL B 39 24.50 16.97 3.80
C VAL B 39 24.56 15.48 3.48
N THR B 40 23.51 14.76 3.86
CA THR B 40 23.35 13.37 3.45
C THR B 40 22.90 13.35 1.99
N LEU B 41 22.00 14.26 1.66
CA LEU B 41 21.53 14.43 0.28
C LEU B 41 22.66 14.91 -0.63
N PHE B 42 23.47 15.85 -0.12
CA PHE B 42 24.64 16.34 -0.85
C PHE B 42 25.68 15.25 -1.06
N THR B 43 25.79 14.35 -0.08
CA THR B 43 26.75 13.26 -0.16
C THR B 43 26.36 12.29 -1.28
N LEU B 44 25.06 12.06 -1.42
CA LEU B 44 24.57 11.16 -2.47
C LEU B 44 24.63 11.84 -3.83
N ALA B 45 24.73 13.17 -3.83
CA ALA B 45 24.82 13.93 -5.07
C ALA B 45 26.25 14.37 -5.36
N SER B 52 24.42 2.21 -10.32
CA SER B 52 24.63 0.81 -9.99
C SER B 52 23.81 0.47 -8.76
N LEU B 53 24.08 -0.70 -8.17
CA LEU B 53 23.36 -1.18 -7.00
C LEU B 53 23.65 -0.30 -5.78
N GLN B 54 24.88 0.18 -5.68
CA GLN B 54 25.26 1.09 -4.61
C GLN B 54 24.53 2.41 -4.85
N SER B 55 24.38 2.76 -6.13
CA SER B 55 23.66 3.96 -6.59
C SER B 55 22.13 3.84 -6.57
N THR B 56 21.57 2.67 -6.89
CA THR B 56 20.12 2.49 -6.78
C THR B 56 19.68 2.67 -5.33
N VAL B 57 20.52 2.17 -4.42
CA VAL B 57 20.25 2.29 -3.00
C VAL B 57 20.30 3.77 -2.58
N ASP B 58 21.06 4.56 -3.34
CA ASP B 58 21.19 5.99 -3.09
C ASP B 58 19.85 6.70 -3.25
N TYR B 59 19.02 6.22 -4.18
CA TYR B 59 17.72 6.82 -4.42
C TYR B 59 16.77 6.56 -3.26
N TYR B 60 16.90 5.38 -2.66
CA TYR B 60 16.08 5.02 -1.50
C TYR B 60 16.50 5.82 -0.27
N LEU B 61 17.81 5.94 -0.07
CA LEU B 61 18.35 6.73 1.03
C LEU B 61 18.01 8.20 0.85
N GLY B 62 17.97 8.65 -0.41
CA GLY B 62 17.63 10.02 -0.71
C GLY B 62 16.15 10.27 -0.48
N SER B 63 15.33 9.26 -0.76
CA SER B 63 13.90 9.34 -0.54
C SER B 63 13.59 9.40 0.96
N LEU B 64 14.40 8.70 1.75
CA LEU B 64 14.25 8.69 3.19
C LEU B 64 14.64 10.02 3.81
N ALA B 65 15.75 10.59 3.34
CA ALA B 65 16.25 11.85 3.86
C ALA B 65 15.29 13.00 3.54
N LEU B 66 14.56 12.87 2.44
CA LEU B 66 13.58 13.87 2.04
C LEU B 66 12.36 13.84 2.96
N SER B 67 11.90 12.64 3.28
CA SER B 67 10.75 12.47 4.17
C SER B 67 11.07 12.96 5.57
N ASP B 68 12.36 12.96 5.90
CA ASP B 68 12.81 13.42 7.21
C ASP B 68 12.92 14.94 7.25
N LEU B 69 13.40 15.54 6.18
CA LEU B 69 13.53 16.99 6.10
C LEU B 69 12.16 17.67 6.09
N LEU B 70 11.18 17.04 5.46
CA LEU B 70 9.83 17.60 5.39
C LEU B 70 9.19 17.69 6.77
N ILE B 71 9.36 16.64 7.57
CA ILE B 71 8.74 16.59 8.89
C ILE B 71 9.47 17.49 9.89
N LEU B 72 10.76 17.74 9.64
CA LEU B 72 11.54 18.59 10.53
C LEU B 72 11.35 20.07 10.23
N LEU B 73 11.23 20.40 8.95
CA LEU B 73 11.13 21.79 8.53
C LEU B 73 9.70 22.32 8.59
N LEU B 74 8.73 21.47 8.28
CA LEU B 74 7.33 21.89 8.18
C LEU B 74 6.49 21.49 9.39
N ALA B 75 6.67 20.27 9.86
CA ALA B 75 5.82 19.74 10.93
C ALA B 75 6.24 20.18 12.33
N MET B 76 7.54 20.22 12.58
CA MET B 76 8.04 20.58 13.91
C MET B 76 7.68 22.01 14.40
N PRO B 77 7.98 23.04 13.58
CA PRO B 77 7.66 24.40 14.07
C PRO B 77 6.16 24.60 14.28
N VAL B 78 5.35 23.87 13.53
CA VAL B 78 3.89 23.94 13.70
C VAL B 78 3.48 23.25 15.01
N GLU B 79 3.97 22.03 15.21
CA GLU B 79 3.62 21.25 16.40
C GLU B 79 4.17 21.87 17.68
N LEU B 80 5.41 22.37 17.61
CA LEU B 80 6.07 22.94 18.77
C LEU B 80 5.33 24.15 19.31
N TYR B 81 4.58 24.82 18.44
CA TYR B 81 3.80 25.98 18.85
C TYR B 81 2.38 25.61 19.26
N ASN B 82 1.66 24.93 18.36
CA ASN B 82 0.24 24.69 18.57
C ASN B 82 -0.12 23.39 19.30
N PHE B 83 0.88 22.57 19.59
CA PHE B 83 0.61 21.30 20.25
C PHE B 83 1.38 21.11 21.55
N ILE B 84 2.45 21.88 21.74
CA ILE B 84 3.26 21.77 22.95
C ILE B 84 3.08 22.97 23.87
N TRP B 85 3.14 24.17 23.30
CA TRP B 85 3.01 25.39 24.10
C TRP B 85 1.59 25.97 24.08
N VAL B 86 1.20 26.56 22.95
CA VAL B 86 -0.13 27.16 22.81
C VAL B 86 -1.12 26.19 22.18
N HIS B 87 -1.90 25.52 23.01
CA HIS B 87 -2.82 24.48 22.56
C HIS B 87 -4.05 25.05 21.84
N HIS B 88 -4.46 26.25 22.22
CA HIS B 88 -5.59 26.90 21.57
C HIS B 88 -5.43 28.42 21.60
N PRO B 89 -5.84 29.10 20.52
CA PRO B 89 -6.48 28.51 19.33
C PRO B 89 -5.48 28.12 18.25
N TRP B 90 -5.92 27.29 17.31
CA TRP B 90 -5.10 26.91 16.17
C TRP B 90 -4.85 28.13 15.28
N ALA B 91 -3.59 28.38 14.96
CA ALA B 91 -3.19 29.60 14.27
C ALA B 91 -2.93 29.45 12.77
N PHE B 92 -2.77 28.21 12.31
CA PHE B 92 -2.36 27.97 10.92
C PHE B 92 -3.47 27.70 9.92
N GLY B 93 -4.71 28.07 10.26
CA GLY B 93 -5.83 27.89 9.35
C GLY B 93 -6.29 26.45 9.16
N ASP B 94 -7.28 26.28 8.29
CA ASP B 94 -7.82 24.97 7.96
C ASP B 94 -6.85 24.15 7.11
N ALA B 95 -6.17 24.83 6.18
CA ALA B 95 -5.20 24.16 5.32
C ALA B 95 -4.01 23.66 6.12
N GLY B 96 -3.56 24.49 7.06
CA GLY B 96 -2.45 24.13 7.93
C GLY B 96 -2.82 22.99 8.85
N CYS B 97 -4.10 22.90 9.19
CA CYS B 97 -4.61 21.82 10.02
C CYS B 97 -4.67 20.52 9.23
N ARG B 98 -5.28 20.56 8.06
CA ARG B 98 -5.43 19.38 7.21
C ARG B 98 -4.12 18.97 6.56
N GLY B 99 -3.33 19.96 6.15
CA GLY B 99 -2.07 19.70 5.49
C GLY B 99 -1.03 19.10 6.41
N TYR B 100 -1.09 19.47 7.68
CA TYR B 100 -0.19 18.94 8.70
C TYR B 100 -0.33 17.43 8.81
N TYR B 101 -1.52 16.98 9.18
CA TYR B 101 -1.78 15.55 9.37
C TYR B 101 -1.63 14.77 8.06
N PHE B 102 -1.85 15.45 6.95
CA PHE B 102 -1.67 14.84 5.64
C PHE B 102 -0.20 14.57 5.39
N LEU B 103 0.62 15.60 5.59
CA LEU B 103 2.06 15.49 5.38
C LEU B 103 2.67 14.44 6.30
N ARG B 104 2.20 14.40 7.54
CA ARG B 104 2.72 13.45 8.52
C ARG B 104 2.43 12.00 8.14
N ASP B 105 1.20 11.73 7.71
CA ASP B 105 0.83 10.38 7.31
C ASP B 105 1.54 9.97 6.03
N ALA B 106 1.58 10.88 5.06
CA ALA B 106 2.19 10.61 3.77
C ALA B 106 3.67 10.23 3.89
N CYS B 107 4.38 10.92 4.78
CA CYS B 107 5.80 10.67 4.98
C CYS B 107 6.08 9.31 5.63
N THR B 108 5.22 8.92 6.57
CA THR B 108 5.38 7.64 7.24
C THR B 108 5.15 6.49 6.28
N TYR B 109 4.16 6.64 5.40
CA TYR B 109 3.92 5.66 4.35
C TYR B 109 5.11 5.59 3.41
N ALA B 110 5.62 6.75 3.02
CA ALA B 110 6.78 6.83 2.14
C ALA B 110 8.00 6.16 2.76
N THR B 111 8.19 6.38 4.06
CA THR B 111 9.31 5.76 4.77
C THR B 111 9.12 4.27 4.90
N ALA B 112 7.94 3.86 5.38
CA ALA B 112 7.66 2.45 5.61
C ALA B 112 7.76 1.62 4.32
N LEU B 113 7.43 2.24 3.19
CA LEU B 113 7.51 1.56 1.91
C LEU B 113 8.93 1.51 1.38
N ASN B 114 9.72 2.54 1.68
CA ASN B 114 11.13 2.58 1.30
C ASN B 114 11.93 1.49 2.00
N VAL B 115 11.64 1.28 3.28
CA VAL B 115 12.32 0.27 4.08
C VAL B 115 12.07 -1.13 3.50
N VAL B 116 10.81 -1.42 3.20
CA VAL B 116 10.44 -2.70 2.61
C VAL B 116 11.07 -2.85 1.23
N SER B 117 11.07 -1.76 0.46
CA SER B 117 11.65 -1.76 -0.88
C SER B 117 13.15 -2.06 -0.82
N LEU B 118 13.83 -1.46 0.15
CA LEU B 118 15.25 -1.72 0.38
C LEU B 118 15.47 -3.16 0.84
N SER B 119 14.54 -3.66 1.65
CA SER B 119 14.61 -5.03 2.13
C SER B 119 14.45 -6.03 0.99
N VAL B 120 13.65 -5.69 -0.01
CA VAL B 120 13.48 -6.52 -1.18
C VAL B 120 14.74 -6.51 -2.05
N GLU B 121 15.20 -5.31 -2.37
CA GLU B 121 16.35 -5.14 -3.26
C GLU B 121 17.65 -5.66 -2.66
N LEU B 122 17.82 -5.53 -1.35
CA LEU B 122 18.99 -6.06 -0.68
C LEU B 122 18.96 -7.58 -0.68
N TYR B 123 17.75 -8.13 -0.59
CA TYR B 123 17.56 -9.57 -0.69
C TYR B 123 18.00 -10.05 -2.07
N LEU B 124 17.60 -9.28 -3.09
CA LEU B 124 17.92 -9.63 -4.47
C LEU B 124 19.42 -9.51 -4.76
N ALA B 125 20.08 -8.59 -4.06
CA ALA B 125 21.50 -8.37 -4.24
C ALA B 125 22.33 -9.53 -3.69
N ILE B 126 21.78 -10.24 -2.72
CA ILE B 126 22.48 -11.36 -2.09
C ILE B 126 22.13 -12.70 -2.73
N CYS B 127 20.84 -12.98 -2.81
CA CYS B 127 20.36 -14.28 -3.28
C CYS B 127 20.47 -14.44 -4.81
N HIS B 128 20.07 -13.40 -5.54
CA HIS B 128 20.14 -13.44 -7.00
C HIS B 128 20.97 -12.28 -7.55
N PRO B 129 22.31 -12.35 -7.37
CA PRO B 129 23.18 -11.24 -7.77
C PRO B 129 23.32 -11.11 -9.29
N PHE B 130 23.10 -12.19 -10.03
CA PHE B 130 23.18 -12.13 -11.49
C PHE B 130 21.86 -11.66 -12.09
N LYS B 131 20.77 -11.95 -11.38
CA LYS B 131 19.45 -11.53 -11.83
C LYS B 131 19.39 -10.03 -11.64
N ALA B 132 20.12 -9.55 -10.63
CA ALA B 132 20.19 -8.13 -10.32
C ALA B 132 21.42 -7.50 -10.98
N LYS B 133 22.18 -8.31 -11.72
CA LYS B 133 23.32 -7.79 -12.47
C LYS B 133 22.79 -6.93 -13.61
N THR B 134 21.75 -7.43 -14.26
CA THR B 134 21.06 -6.69 -15.31
C THR B 134 19.91 -6.01 -14.59
N LEU B 135 20.31 -5.13 -13.68
CA LEU B 135 19.42 -4.48 -12.73
C LEU B 135 18.41 -3.53 -13.35
N MET B 136 17.48 -3.07 -12.51
CA MET B 136 16.45 -2.14 -12.92
C MET B 136 17.16 -0.82 -13.14
N SER B 137 16.97 -0.29 -14.34
CA SER B 137 17.57 0.98 -14.77
C SER B 137 17.41 2.11 -13.76
N ARG B 138 18.39 3.01 -13.75
CA ARG B 138 18.37 4.20 -12.92
C ARG B 138 17.02 4.89 -13.08
N SER B 139 16.48 4.81 -14.30
CA SER B 139 15.18 5.37 -14.63
C SER B 139 14.03 4.66 -13.92
N ARG B 140 14.08 3.33 -13.88
CA ARG B 140 13.01 2.55 -13.26
C ARG B 140 13.00 2.69 -11.75
N THR B 141 14.18 2.75 -11.15
CA THR B 141 14.28 2.92 -9.71
C THR B 141 13.71 4.29 -9.32
N LYS B 142 14.03 5.31 -10.11
CA LYS B 142 13.50 6.64 -9.89
C LYS B 142 11.98 6.67 -10.02
N LYS B 143 11.46 5.89 -10.97
CA LYS B 143 10.02 5.77 -11.15
C LYS B 143 9.37 5.08 -9.96
N PHE B 144 10.08 4.13 -9.38
CA PHE B 144 9.58 3.39 -8.23
C PHE B 144 9.56 4.30 -6.99
N ILE B 145 10.56 5.16 -6.89
CA ILE B 145 10.63 6.14 -5.81
C ILE B 145 9.45 7.11 -5.91
N SER B 146 9.16 7.54 -7.14
CA SER B 146 8.05 8.44 -7.39
C SER B 146 6.71 7.76 -7.13
N ALA B 147 6.60 6.49 -7.50
CA ALA B 147 5.39 5.72 -7.31
C ALA B 147 5.07 5.56 -5.83
N ILE B 148 6.09 5.34 -5.02
CA ILE B 148 5.94 5.20 -3.58
C ILE B 148 5.38 6.49 -2.97
N TRP B 149 5.96 7.62 -3.37
CA TRP B 149 5.53 8.92 -2.86
C TRP B 149 4.07 9.22 -3.20
N LEU B 150 3.68 8.93 -4.44
CA LEU B 150 2.31 9.15 -4.87
C LEU B 150 1.34 8.21 -4.18
N ALA B 151 1.74 6.95 -4.05
CA ALA B 151 0.95 5.97 -3.33
C ALA B 151 0.81 6.37 -1.87
N SER B 152 1.86 6.99 -1.34
CA SER B 152 1.87 7.45 0.04
C SER B 152 0.85 8.57 0.24
N ALA B 153 0.75 9.45 -0.76
CA ALA B 153 -0.18 10.57 -0.71
C ALA B 153 -1.63 10.07 -0.79
N LEU B 154 -1.85 9.03 -1.60
CA LEU B 154 -3.18 8.45 -1.75
C LEU B 154 -3.64 7.83 -0.43
N LEU B 155 -2.70 7.23 0.30
CA LEU B 155 -3.02 6.59 1.57
C LEU B 155 -3.23 7.62 2.67
N ALA B 156 -2.76 8.85 2.44
CA ALA B 156 -2.88 9.92 3.42
C ALA B 156 -4.11 10.77 3.17
N ILE B 157 -4.84 10.48 2.10
CA ILE B 157 -6.06 11.21 1.77
C ILE B 157 -7.12 11.34 2.88
N PRO B 158 -7.41 10.24 3.62
CA PRO B 158 -8.40 10.34 4.69
C PRO B 158 -8.13 11.47 5.69
N MET B 159 -6.87 11.83 5.89
CA MET B 159 -6.51 12.89 6.83
C MET B 159 -6.99 14.27 6.35
N LEU B 160 -7.21 14.40 5.05
CA LEU B 160 -7.73 15.63 4.48
C LEU B 160 -9.22 15.78 4.78
N PHE B 161 -9.86 14.68 5.16
CA PHE B 161 -11.29 14.69 5.44
C PHE B 161 -11.59 14.36 6.90
N THR B 162 -10.64 13.74 7.57
CA THR B 162 -10.82 13.38 8.98
C THR B 162 -10.54 14.58 9.89
N MET B 163 -9.51 15.34 9.54
CA MET B 163 -9.10 16.50 10.32
C MET B 163 -9.79 17.79 9.83
N GLY B 164 -9.87 18.78 10.71
CA GLY B 164 -10.45 20.06 10.36
C GLY B 164 -10.54 21.00 11.55
N LEU B 165 -11.03 22.22 11.30
CA LEU B 165 -11.16 23.23 12.35
C LEU B 165 -12.52 23.17 13.03
N GLN B 166 -12.51 23.23 14.36
CA GLN B 166 -13.75 23.31 15.13
C GLN B 166 -13.62 24.37 16.23
N ASN B 167 -14.74 25.00 16.56
CA ASN B 167 -14.77 25.98 17.64
C ASN B 167 -15.35 25.37 18.91
N LEU B 168 -14.47 24.86 19.77
CA LEU B 168 -14.90 24.14 20.96
C LEU B 168 -15.11 25.04 22.17
N SER B 169 -15.35 26.33 21.93
CA SER B 169 -15.67 27.25 23.01
C SER B 169 -17.07 26.94 23.55
N GLY B 170 -17.46 27.62 24.63
CA GLY B 170 -18.72 27.35 25.28
C GLY B 170 -19.92 27.37 24.36
N ASP B 171 -20.08 28.45 23.60
CA ASP B 171 -21.19 28.58 22.67
C ASP B 171 -20.73 28.32 21.23
N GLY B 172 -19.47 27.97 21.06
CA GLY B 172 -18.90 27.73 19.75
C GLY B 172 -18.77 29.02 18.97
N THR B 173 -18.60 30.13 19.69
CA THR B 173 -18.56 31.45 19.05
C THR B 173 -17.25 32.19 19.34
N HIS B 174 -16.59 31.80 20.44
CA HIS B 174 -15.37 32.48 20.86
C HIS B 174 -14.15 32.01 20.04
N PRO B 175 -13.41 32.97 19.47
CA PRO B 175 -12.25 32.72 18.60
C PRO B 175 -11.16 31.88 19.27
N GLY B 176 -11.07 31.95 20.59
CA GLY B 176 -10.05 31.22 21.32
C GLY B 176 -10.30 29.74 21.37
N GLY B 177 -11.52 29.33 21.02
CA GLY B 177 -11.88 27.92 21.02
C GLY B 177 -11.67 27.24 19.70
N LEU B 178 -11.15 27.98 18.72
CA LEU B 178 -10.91 27.43 17.39
C LEU B 178 -9.69 26.51 17.41
N VAL B 179 -9.93 25.20 17.35
CA VAL B 179 -8.86 24.22 17.46
C VAL B 179 -8.82 23.26 16.28
N CYS B 180 -7.66 22.62 16.08
CA CYS B 180 -7.50 21.61 15.06
C CYS B 180 -7.76 20.22 15.65
N THR B 181 -8.85 19.61 15.23
CA THR B 181 -9.33 18.36 15.84
C THR B 181 -10.04 17.51 14.79
N PRO B 182 -10.10 16.18 15.01
CA PRO B 182 -10.91 15.31 14.15
C PRO B 182 -12.37 15.77 14.08
N ILE B 183 -12.88 15.95 12.87
CA ILE B 183 -14.23 16.48 12.68
C ILE B 183 -15.23 15.40 12.30
N VAL B 184 -14.81 14.14 12.37
CA VAL B 184 -15.69 13.04 12.02
C VAL B 184 -16.14 12.30 13.27
N ASP B 185 -17.18 11.48 13.14
CA ASP B 185 -17.70 10.70 14.27
C ASP B 185 -16.64 9.75 14.81
N THR B 186 -16.81 9.33 16.06
CA THR B 186 -15.83 8.48 16.73
C THR B 186 -15.61 7.13 16.04
N ALA B 187 -16.66 6.60 15.42
CA ALA B 187 -16.57 5.33 14.72
C ALA B 187 -15.71 5.44 13.47
N THR B 188 -15.87 6.54 12.73
CA THR B 188 -15.09 6.77 11.52
C THR B 188 -13.63 7.01 11.87
N LEU B 189 -13.39 7.69 12.99
CA LEU B 189 -12.04 8.00 13.43
C LEU B 189 -11.27 6.74 13.77
N LYS B 190 -11.93 5.79 14.45
CA LYS B 190 -11.32 4.52 14.79
C LYS B 190 -10.87 3.81 13.52
N VAL B 191 -11.73 3.81 12.51
CA VAL B 191 -11.43 3.18 11.24
C VAL B 191 -10.24 3.81 10.53
N VAL B 192 -10.22 5.14 10.45
CA VAL B 192 -9.13 5.83 9.75
C VAL B 192 -7.79 5.72 10.49
N ILE B 193 -7.85 5.56 11.81
CA ILE B 193 -6.63 5.39 12.60
C ILE B 193 -6.09 3.97 12.45
N GLN B 194 -7.00 3.00 12.49
CA GLN B 194 -6.63 1.59 12.31
C GLN B 194 -5.93 1.35 10.99
N VAL B 195 -6.52 1.86 9.91
CA VAL B 195 -5.95 1.69 8.57
C VAL B 195 -4.52 2.22 8.50
N ASN B 196 -4.27 3.36 9.13
CA ASN B 196 -2.93 3.91 9.17
C ASN B 196 -1.97 3.08 10.02
N THR B 197 -2.46 2.61 11.17
CA THR B 197 -1.65 1.81 12.08
C THR B 197 -1.26 0.49 11.42
N PHE B 198 -2.19 -0.08 10.65
CA PHE B 198 -1.92 -1.33 9.94
C PHE B 198 -1.00 -1.12 8.73
N MET B 199 -1.37 -0.17 7.87
CA MET B 199 -0.69 -0.01 6.57
C MET B 199 0.66 0.70 6.63
N SER B 200 0.85 1.57 7.63
CA SER B 200 2.09 2.34 7.72
C SER B 200 3.04 1.79 8.78
N PHE B 201 2.54 0.88 9.62
CA PHE B 201 3.34 0.36 10.72
C PHE B 201 3.36 -1.17 10.78
N LEU B 202 2.26 -1.75 11.23
CA LEU B 202 2.21 -3.19 11.48
C LEU B 202 2.52 -4.03 10.24
N PHE B 203 1.84 -3.76 9.13
CA PHE B 203 2.05 -4.52 7.90
C PHE B 203 3.47 -4.40 7.29
N PRO B 204 3.94 -3.17 7.02
CA PRO B 204 5.25 -3.10 6.35
C PRO B 204 6.42 -3.53 7.23
N MET B 205 6.34 -3.26 8.53
CA MET B 205 7.42 -3.61 9.45
C MET B 205 7.50 -5.11 9.68
N LEU B 206 6.34 -5.76 9.73
CA LEU B 206 6.29 -7.21 9.87
C LEU B 206 6.90 -7.87 8.65
N VAL B 207 6.66 -7.30 7.48
CA VAL B 207 7.24 -7.78 6.24
C VAL B 207 8.75 -7.55 6.22
N ALA B 208 9.16 -6.32 6.53
CA ALA B 208 10.58 -5.97 6.53
C ALA B 208 11.36 -6.76 7.57
N SER B 209 10.71 -7.11 8.67
CA SER B 209 11.34 -7.89 9.73
C SER B 209 11.60 -9.32 9.25
N ILE B 210 10.62 -9.89 8.55
CA ILE B 210 10.76 -11.23 7.98
C ILE B 210 11.88 -11.23 6.95
N LEU B 211 11.88 -10.22 6.09
CA LEU B 211 12.93 -10.08 5.08
C LEU B 211 14.30 -9.90 5.72
N ASN B 212 14.36 -9.05 6.74
CA ASN B 212 15.61 -8.81 7.47
C ASN B 212 16.09 -10.05 8.22
N THR B 213 15.16 -10.95 8.55
CA THR B 213 15.51 -12.21 9.18
C THR B 213 16.12 -13.16 8.15
N VAL B 214 15.51 -13.19 6.96
CA VAL B 214 16.00 -14.04 5.87
C VAL B 214 17.37 -13.60 5.39
N ILE B 215 17.54 -12.29 5.19
CA ILE B 215 18.79 -11.72 4.72
C ILE B 215 19.93 -11.97 5.72
N ALA B 216 19.62 -11.85 7.01
CA ALA B 216 20.62 -12.05 8.06
C ALA B 216 21.11 -13.49 8.07
N ASN B 217 20.20 -14.41 7.79
CA ASN B 217 20.55 -15.82 7.72
C ASN B 217 21.24 -16.15 6.41
N LYS B 218 20.74 -15.58 5.32
CA LYS B 218 21.30 -15.81 3.99
C LYS B 218 22.73 -15.28 3.90
N LEU B 219 23.00 -14.18 4.59
CA LEU B 219 24.32 -13.57 4.59
C LEU B 219 25.34 -14.50 5.26
N THR B 220 24.93 -15.12 6.36
CA THR B 220 25.79 -16.05 7.07
C THR B 220 26.03 -17.30 6.23
N VAL B 221 25.03 -17.67 5.44
CA VAL B 221 25.14 -18.80 4.52
C VAL B 221 26.17 -18.53 3.43
N MET B 222 26.18 -17.30 2.92
CA MET B 222 27.08 -16.96 1.81
C MET B 222 28.54 -16.89 2.28
N VAL B 223 28.75 -16.52 3.54
CA VAL B 223 30.09 -16.39 4.08
C VAL B 223 30.66 -17.72 4.56
N THR B 234 34.66 -13.19 -5.36
CA THR B 234 35.99 -13.30 -4.79
C THR B 234 36.92 -12.22 -5.36
N GLU B 235 36.36 -11.32 -6.15
CA GLU B 235 37.15 -10.23 -6.73
C GLU B 235 37.06 -8.91 -5.96
N PRO B 236 35.83 -8.39 -5.71
CA PRO B 236 35.82 -7.10 -5.03
C PRO B 236 35.51 -7.22 -3.54
N GLY B 237 35.49 -6.08 -2.86
CA GLY B 237 35.08 -6.02 -1.46
C GLY B 237 33.58 -5.82 -1.39
N ARG B 238 32.84 -6.72 -2.04
CA ARG B 238 31.38 -6.63 -2.10
C ARG B 238 30.74 -7.08 -0.80
N VAL B 239 31.27 -8.15 -0.21
CA VAL B 239 30.71 -8.71 1.02
C VAL B 239 30.78 -7.74 2.19
N GLN B 240 31.73 -6.82 2.14
CA GLN B 240 31.84 -5.81 3.18
C GLN B 240 30.74 -4.78 3.01
N ALA B 241 30.44 -4.44 1.76
CA ALA B 241 29.37 -3.50 1.44
C ALA B 241 28.00 -4.04 1.82
N LEU B 242 27.82 -5.33 1.60
CA LEU B 242 26.57 -6.02 1.95
C LEU B 242 26.36 -6.04 3.46
N ARG B 243 27.42 -6.27 4.21
CA ARG B 243 27.35 -6.32 5.67
C ARG B 243 26.89 -4.98 6.19
N ARG B 244 27.37 -3.91 5.55
CA ARG B 244 26.97 -2.57 5.92
C ARG B 244 25.50 -2.45 5.64
N GLY B 245 25.11 -2.97 4.49
CA GLY B 245 23.74 -2.84 4.03
C GLY B 245 22.77 -3.55 4.92
N VAL B 246 23.17 -4.70 5.43
CA VAL B 246 22.30 -5.48 6.30
C VAL B 246 22.12 -4.86 7.69
N LEU B 247 23.23 -4.49 8.33
CA LEU B 247 23.19 -3.94 9.69
C LEU B 247 22.56 -2.54 9.78
N VAL B 248 22.83 -1.68 8.80
CA VAL B 248 22.18 -0.38 8.77
C VAL B 248 20.68 -0.60 8.69
N LEU B 249 20.27 -1.46 7.75
CA LEU B 249 18.86 -1.72 7.50
C LEU B 249 18.23 -2.35 8.75
N ARG B 250 18.97 -3.24 9.39
CA ARG B 250 18.54 -3.90 10.62
C ARG B 250 18.24 -2.86 11.70
N ALA B 251 19.14 -1.90 11.84
CA ALA B 251 18.99 -0.84 12.83
C ALA B 251 17.82 0.08 12.49
N VAL B 252 17.64 0.36 11.21
CA VAL B 252 16.57 1.24 10.76
C VAL B 252 15.20 0.65 11.06
N VAL B 253 15.04 -0.65 10.79
CA VAL B 253 13.78 -1.33 11.08
C VAL B 253 13.51 -1.29 12.58
N ILE B 254 14.53 -1.62 13.36
CA ILE B 254 14.42 -1.60 14.82
C ILE B 254 14.13 -0.19 15.34
N ALA B 255 14.82 0.80 14.78
CA ALA B 255 14.62 2.18 15.20
C ALA B 255 13.25 2.71 14.80
N PHE B 256 12.75 2.24 13.66
CA PHE B 256 11.43 2.65 13.18
C PHE B 256 10.33 2.11 14.08
N VAL B 257 10.42 0.82 14.40
CA VAL B 257 9.42 0.16 15.24
C VAL B 257 9.36 0.78 16.63
N VAL B 258 10.52 0.89 17.27
CA VAL B 258 10.60 1.42 18.64
C VAL B 258 10.08 2.85 18.73
N CYS B 259 10.41 3.68 17.74
CA CYS B 259 10.01 5.08 17.74
C CYS B 259 8.52 5.29 17.46
N TRP B 260 7.98 4.50 16.54
CA TRP B 260 6.60 4.71 16.10
C TRP B 260 5.56 3.91 16.87
N LEU B 261 6.01 2.96 17.68
CA LEU B 261 5.10 2.15 18.48
C LEU B 261 4.29 2.95 19.51
N PRO B 262 4.95 3.78 20.35
CA PRO B 262 4.17 4.56 21.31
C PRO B 262 3.26 5.56 20.61
N TYR B 263 3.67 6.02 19.44
CA TYR B 263 2.89 6.96 18.64
C TYR B 263 1.53 6.39 18.25
N HIS B 264 1.53 5.18 17.72
CA HIS B 264 0.30 4.53 17.29
C HIS B 264 -0.59 4.14 18.46
N VAL B 265 0.04 3.78 19.58
CA VAL B 265 -0.70 3.44 20.79
C VAL B 265 -1.48 4.63 21.33
N ARG B 266 -0.84 5.80 21.32
CA ARG B 266 -1.46 7.02 21.80
C ARG B 266 -2.66 7.41 20.96
N ARG B 267 -2.54 7.22 19.65
CA ARG B 267 -3.62 7.53 18.72
C ARG B 267 -4.80 6.58 18.91
N LEU B 268 -4.50 5.32 19.19
CA LEU B 268 -5.55 4.35 19.51
C LEU B 268 -6.15 4.68 20.88
N MET B 269 -5.29 5.11 21.80
CA MET B 269 -5.70 5.52 23.13
C MET B 269 -6.64 6.72 23.07
N PHE B 270 -6.41 7.58 22.09
CA PHE B 270 -7.19 8.80 21.91
C PHE B 270 -8.66 8.52 21.62
N CYS B 271 -8.93 7.53 20.79
CA CYS B 271 -10.29 7.28 20.32
C CYS B 271 -10.98 6.05 20.92
N TYR B 272 -10.19 5.14 21.49
CA TYR B 272 -10.75 3.91 22.06
C TYR B 272 -11.15 4.02 23.52
N ILE B 273 -10.58 4.97 24.24
CA ILE B 273 -11.00 5.24 25.61
C ILE B 273 -12.34 5.97 25.59
N SER B 274 -13.34 5.37 26.25
CA SER B 274 -14.69 5.93 26.25
C SER B 274 -14.78 7.23 27.04
N ASP B 275 -15.83 8.01 26.78
CA ASP B 275 -16.02 9.29 27.42
C ASP B 275 -16.21 9.17 28.94
N GLU B 276 -16.83 8.08 29.36
CA GLU B 276 -17.07 7.84 30.78
C GLU B 276 -15.79 7.36 31.45
N GLN B 277 -14.83 6.91 30.64
CA GLN B 277 -13.56 6.40 31.14
C GLN B 277 -12.52 7.50 31.31
N TRP B 278 -12.68 8.59 30.56
CA TRP B 278 -11.73 9.69 30.61
C TRP B 278 -11.82 10.46 31.93
N THR B 279 -10.72 10.43 32.69
CA THR B 279 -10.61 11.20 33.93
C THR B 279 -9.64 12.36 33.72
N THR B 280 -9.46 13.18 34.75
CA THR B 280 -8.56 14.31 34.68
C THR B 280 -7.11 13.84 34.69
N PHE B 281 -6.88 12.62 35.19
CA PHE B 281 -5.55 12.02 35.17
C PHE B 281 -5.16 11.55 33.77
N LEU B 282 -6.04 10.78 33.14
CA LEU B 282 -5.81 10.29 31.80
C LEU B 282 -5.67 11.43 30.79
N PHE B 283 -6.35 12.53 31.07
CA PHE B 283 -6.27 13.70 30.21
C PHE B 283 -4.86 14.29 30.27
N ASP B 284 -4.37 14.51 31.48
CA ASP B 284 -3.04 15.07 31.69
C ASP B 284 -1.94 14.08 31.29
N PHE B 285 -2.19 12.79 31.55
CA PHE B 285 -1.24 11.75 31.18
C PHE B 285 -1.08 11.68 29.67
N TYR B 286 -2.19 11.87 28.96
CA TYR B 286 -2.20 11.80 27.51
C TYR B 286 -1.29 12.87 26.90
N HIS B 287 -1.31 14.07 27.48
CA HIS B 287 -0.57 15.19 26.92
C HIS B 287 0.92 15.16 27.28
N TYR B 288 1.25 14.50 28.39
CA TYR B 288 2.65 14.24 28.71
C TYR B 288 3.15 13.10 27.84
N PHE B 289 2.27 12.13 27.60
CA PHE B 289 2.57 11.01 26.72
C PHE B 289 2.80 11.53 25.31
N TYR B 290 2.01 12.53 24.91
CA TYR B 290 2.12 13.15 23.61
C TYR B 290 3.52 13.71 23.37
N MET B 291 4.12 14.27 24.42
CA MET B 291 5.45 14.83 24.33
C MET B 291 6.48 13.76 24.01
N LEU B 292 6.36 12.61 24.68
CA LEU B 292 7.33 11.53 24.53
C LEU B 292 7.17 10.82 23.18
N THR B 293 5.92 10.57 22.79
CA THR B 293 5.63 9.87 21.54
C THR B 293 6.13 10.64 20.34
N ASN B 294 5.86 11.95 20.32
CA ASN B 294 6.27 12.79 19.21
C ASN B 294 7.74 13.15 19.25
N ALA B 295 8.36 13.01 20.43
CA ALA B 295 9.80 13.21 20.56
C ALA B 295 10.53 12.07 19.86
N LEU B 296 9.97 10.86 19.99
CA LEU B 296 10.53 9.69 19.33
C LEU B 296 10.33 9.75 17.82
N VAL B 297 9.31 10.51 17.40
CA VAL B 297 9.04 10.69 15.98
C VAL B 297 10.17 11.48 15.33
N TYR B 298 10.63 12.53 16.03
CA TYR B 298 11.70 13.37 15.52
C TYR B 298 13.07 12.72 15.70
N VAL B 299 13.15 11.74 16.60
CA VAL B 299 14.34 10.92 16.72
C VAL B 299 14.45 10.03 15.49
N SER B 300 13.31 9.51 15.06
CA SER B 300 13.24 8.65 13.88
C SER B 300 13.67 9.36 12.61
N ALA B 301 13.46 10.67 12.57
CA ALA B 301 13.81 11.48 11.41
C ALA B 301 15.18 12.13 11.55
N ALA B 302 15.97 11.64 12.50
CA ALA B 302 17.29 12.20 12.75
C ALA B 302 18.33 11.10 12.96
N ILE B 303 17.86 9.88 13.18
CA ILE B 303 18.74 8.77 13.52
C ILE B 303 19.47 8.19 12.30
N ASN B 304 18.82 8.23 11.13
CA ASN B 304 19.39 7.64 9.92
C ASN B 304 20.77 8.16 9.48
N PRO B 305 20.95 9.49 9.42
CA PRO B 305 22.30 9.97 9.08
C PRO B 305 23.33 9.59 10.14
N ILE B 306 22.88 9.49 11.39
CA ILE B 306 23.75 9.06 12.47
C ILE B 306 24.12 7.59 12.29
N LEU B 307 23.14 6.79 11.86
CA LEU B 307 23.36 5.37 11.62
C LEU B 307 24.30 5.14 10.44
N TYR B 308 24.16 5.96 9.40
CA TYR B 308 25.01 5.81 8.21
C TYR B 308 26.47 6.08 8.54
N ASN B 309 26.72 7.05 9.41
CA ASN B 309 28.08 7.42 9.79
C ASN B 309 28.78 6.36 10.62
N LEU B 310 28.06 5.76 11.57
CA LEU B 310 28.65 4.81 12.51
C LEU B 310 29.23 3.56 11.83
N VAL B 311 28.49 3.00 10.90
CA VAL B 311 28.88 1.75 10.25
C VAL B 311 29.78 1.91 9.02
N SER B 312 29.31 2.66 8.02
CA SER B 312 30.05 2.81 6.77
C SER B 312 31.24 3.75 6.92
N ALA B 313 32.45 3.19 6.81
CA ALA B 313 33.67 3.97 6.94
C ALA B 313 33.87 4.91 5.77
N ASN B 314 33.49 4.49 4.58
CA ASN B 314 33.59 5.35 3.40
C ASN B 314 32.64 6.54 3.46
N PHE B 315 31.44 6.32 4.01
CA PHE B 315 30.42 7.37 4.04
C PHE B 315 30.71 8.46 5.07
N ARG B 316 31.09 8.06 6.29
CA ARG B 316 31.24 9.02 7.39
C ARG B 316 32.30 10.09 7.16
N GLN B 317 33.42 9.70 6.56
CA GLN B 317 34.52 10.65 6.38
C GLN B 317 34.17 11.64 5.27
N VAL B 318 33.54 11.13 4.21
CA VAL B 318 33.09 11.96 3.11
C VAL B 318 31.92 12.82 3.56
N PHE B 319 31.16 12.31 4.52
CA PHE B 319 30.07 13.05 5.14
C PHE B 319 30.59 14.30 5.84
N LEU B 320 31.64 14.12 6.61
CA LEU B 320 32.25 15.24 7.34
C LEU B 320 33.01 16.19 6.41
N SER B 321 33.50 15.65 5.30
CA SER B 321 34.20 16.47 4.31
C SER B 321 33.21 17.37 3.59
N THR B 322 32.00 16.85 3.40
CA THR B 322 30.94 17.61 2.77
C THR B 322 30.27 18.51 3.80
N LEU B 323 30.54 18.24 5.07
CA LEU B 323 29.98 19.04 6.16
C LEU B 323 30.71 20.36 6.27
N ALA B 324 32.02 20.33 6.11
CA ALA B 324 32.84 21.54 6.13
C ALA B 324 32.55 22.36 4.89
N CYS B 325 32.43 21.69 3.76
CA CYS B 325 32.11 22.32 2.49
C CYS B 325 30.69 22.89 2.49
N GLY C 2 -4.17 5.56 -40.10
CA GLY C 2 -3.53 5.51 -38.80
C GLY C 2 -4.36 6.15 -37.71
N ARG C 3 -4.47 5.47 -36.57
CA ARG C 3 -5.29 5.94 -35.46
C ARG C 3 -4.85 5.30 -34.14
N ARG C 4 -5.15 5.97 -33.04
CA ARG C 4 -4.79 5.48 -31.71
C ARG C 4 -6.02 4.98 -30.95
N PRO C 5 -5.88 3.84 -30.26
CA PRO C 5 -6.94 3.27 -29.43
C PRO C 5 -7.41 4.25 -28.36
N TYR C 6 -8.71 4.27 -28.10
CA TYR C 6 -9.28 5.09 -27.04
C TYR C 6 -9.70 4.23 -25.85
N ILE C 7 -9.69 2.93 -26.05
CA ILE C 7 -10.10 1.98 -25.02
C ILE C 7 -8.88 1.52 -24.22
N LEU C 8 -9.04 1.42 -22.90
CA LEU C 8 -7.96 1.01 -22.01
C LEU C 8 -8.39 -0.19 -21.18
N GLY D 1 -15.72 10.19 34.58
CA GLY D 1 -16.10 11.18 33.59
C GLY D 1 -15.27 12.44 33.70
N GLY D 2 -15.10 13.13 32.58
CA GLY D 2 -14.32 14.36 32.55
C GLY D 2 -13.97 14.83 31.16
N ARG D 3 -12.83 15.51 31.05
CA ARG D 3 -12.40 16.08 29.78
C ARG D 3 -11.79 15.05 28.84
N ARG D 4 -11.97 15.25 27.54
CA ARG D 4 -11.31 14.43 26.53
C ARG D 4 -10.38 15.32 25.70
N PRO D 5 -9.16 14.83 25.41
CA PRO D 5 -8.24 15.56 24.55
C PRO D 5 -8.85 15.82 23.17
N TYR D 6 -8.57 16.99 22.60
CA TYR D 6 -9.05 17.30 21.26
C TYR D 6 -7.88 17.22 20.27
N ILE D 7 -6.68 17.11 20.81
CA ILE D 7 -5.47 17.06 20.00
C ILE D 7 -5.08 15.61 19.67
N LEU D 8 -4.66 15.40 18.42
CA LEU D 8 -4.28 14.07 17.96
C LEU D 8 -2.86 14.10 17.41
#